data_8ILD
#
_entry.id   8ILD
#
_cell.length_a   58.706
_cell.length_b   75.441
_cell.length_c   108.450
_cell.angle_alpha   90.00
_cell.angle_beta   90.00
_cell.angle_gamma   90.00
#
_symmetry.space_group_name_H-M   'P 21 21 21'
#
loop_
_entity.id
_entity.type
_entity.pdbx_description
1 polymer 'Repair DNA polymerase X'
2 polymer "DNA (5'-D(*CP*AP*GP*GP*AP*TP*CP*CP*T)-3')"
3 non-polymer "2'-DEOXYGUANOSINE-5'-TRIPHOSPHATE"
4 non-polymer 'MANGANESE (II) ION'
5 non-polymer 'SULFATE ION'
6 water water
#
loop_
_entity_poly.entity_id
_entity_poly.type
_entity_poly.pdbx_seq_one_letter_code
_entity_poly.pdbx_strand_id
1 'polypeptide(L)'
;SGGGMLTLIQGKKIVNHLRSRLAFEYNGQLIKILSKNIVAVGSLRREEKMLNDVDLLIIVPEKKLLKHVLPNIRIKGLSF
SVKVCGERKCVLFIEWEKKTYQLDLFTALAEEKPYAIFHFTGPVSYLIRIRAALKKKNYKLNQYGLFKNQTLVPLKITTE
KELIKELGFTYRIPKKRL
;
A,B
2 'polydeoxyribonucleotide' (DC)(DA)(DG)(DG)(DA)(DT)(DC)(DC)(DT) C,D
#
loop_
_chem_comp.id
_chem_comp.type
_chem_comp.name
_chem_comp.formula
DA DNA linking 2'-DEOXYADENOSINE-5'-MONOPHOSPHATE 'C10 H14 N5 O6 P'
DC DNA linking 2'-DEOXYCYTIDINE-5'-MONOPHOSPHATE 'C9 H14 N3 O7 P'
DG DNA linking 2'-DEOXYGUANOSINE-5'-MONOPHOSPHATE 'C10 H14 N5 O7 P'
DGT non-polymer 2'-DEOXYGUANOSINE-5'-TRIPHOSPHATE 'C10 H16 N5 O13 P3'
DT DNA linking THYMIDINE-5'-MONOPHOSPHATE 'C10 H15 N2 O8 P'
MN non-polymer 'MANGANESE (II) ION' 'Mn 2'
SO4 non-polymer 'SULFATE ION' 'O4 S -2'
#
# COMPACT_ATOMS: atom_id res chain seq x y z
N SER A 1 -3.99 19.39 -1.23
CA SER A 1 -3.02 19.71 -2.32
C SER A 1 -3.40 21.00 -3.02
N GLY A 2 -4.53 20.97 -3.73
CA GLY A 2 -5.04 22.15 -4.41
C GLY A 2 -5.72 23.14 -3.48
N GLY A 3 -6.12 22.67 -2.30
CA GLY A 3 -6.81 23.52 -1.34
C GLY A 3 -6.02 24.74 -0.88
N GLY A 4 -6.72 25.84 -0.62
CA GLY A 4 -6.10 27.08 -0.21
C GLY A 4 -5.42 26.99 1.14
N MET A 5 -4.47 27.89 1.37
CA MET A 5 -3.82 28.00 2.67
C MET A 5 -4.76 28.76 3.61
N LEU A 6 -4.74 28.37 4.88
CA LEU A 6 -5.59 28.98 5.91
C LEU A 6 -4.72 29.57 6.99
N THR A 7 -5.20 30.64 7.62
CA THR A 7 -4.60 31.10 8.87
C THR A 7 -5.10 30.19 9.98
N LEU A 8 -4.39 30.16 11.09
CA LEU A 8 -4.79 29.39 12.26
C LEU A 8 -6.22 29.70 12.68
N ILE A 9 -6.54 31.00 12.75
CA ILE A 9 -7.86 31.45 13.15
C ILE A 9 -8.95 31.00 12.14
N GLN A 10 -8.66 31.10 10.84
CA GLN A 10 -9.61 30.61 9.82
C GLN A 10 -9.92 29.13 10.07
N GLY A 11 -8.88 28.36 10.34
CA GLY A 11 -9.00 26.94 10.59
C GLY A 11 -9.86 26.65 11.80
N LYS A 12 -9.65 27.41 12.86
CA LYS A 12 -10.42 27.25 14.10
C LYS A 12 -11.91 27.53 13.90
N LYS A 13 -12.22 28.53 13.06
CA LYS A 13 -13.62 28.85 12.76
C LYS A 13 -14.30 27.78 11.90
N ILE A 14 -13.53 27.10 11.06
CA ILE A 14 -14.05 26.00 10.25
C ILE A 14 -14.34 24.81 11.14
N VAL A 15 -13.38 24.46 11.99
CA VAL A 15 -13.57 23.37 12.93
C VAL A 15 -14.81 23.62 13.78
N ASN A 16 -14.91 24.83 14.32
CA ASN A 16 -16.07 25.18 15.15
C ASN A 16 -17.40 25.04 14.41
N HIS A 17 -17.44 25.51 13.17
CA HIS A 17 -18.62 25.30 12.33
C HIS A 17 -18.92 23.81 12.17
N LEU A 18 -17.90 23.01 11.85
CA LEU A 18 -18.10 21.57 11.62
C LEU A 18 -18.43 20.75 12.88
N ARG A 19 -17.99 21.23 14.04
CA ARG A 19 -18.20 20.48 15.30
C ARG A 19 -19.63 20.00 15.52
N SER A 20 -20.59 20.79 15.07
CA SER A 20 -22.00 20.46 15.25
C SER A 20 -22.65 19.87 14.00
N ARG A 21 -21.89 19.73 12.91
CA ARG A 21 -22.51 19.47 11.60
C ARG A 21 -22.17 18.14 10.95
N LEU A 22 -21.26 17.36 11.55
CA LEU A 22 -20.90 16.07 11.00
C LEU A 22 -21.91 14.99 11.40
N ALA A 23 -22.13 14.07 10.47
CA ALA A 23 -22.98 12.91 10.73
C ALA A 23 -22.65 11.81 9.74
N PHE A 24 -23.21 10.62 9.98
CA PHE A 24 -23.08 9.49 9.07
C PHE A 24 -24.34 8.65 9.05
N GLU A 25 -24.55 7.93 7.95
CA GLU A 25 -25.68 7.02 7.82
C GLU A 25 -25.26 5.62 8.25
N TYR A 26 -26.07 5.01 9.11
CA TYR A 26 -25.81 3.66 9.59
C TYR A 26 -27.01 2.78 9.29
N ASN A 27 -26.87 1.94 8.29
CA ASN A 27 -27.94 1.04 7.84
C ASN A 27 -29.28 1.77 7.74
N GLY A 28 -29.28 2.92 7.10
CA GLY A 28 -30.49 3.72 6.99
C GLY A 28 -30.54 4.90 7.95
N GLN A 29 -30.18 4.67 9.21
CA GLN A 29 -30.33 5.70 10.25
C GLN A 29 -29.24 6.77 10.15
N LEU A 30 -29.64 8.03 10.37
CA LEU A 30 -28.72 9.16 10.35
C LEU A 30 -28.25 9.47 11.78
N ILE A 31 -26.98 9.20 12.05
CA ILE A 31 -26.40 9.36 13.38
C ILE A 31 -25.46 10.56 13.43
N LYS A 32 -25.74 11.48 14.35
CA LYS A 32 -24.90 12.67 14.56
C LYS A 32 -23.57 12.25 15.17
N ILE A 33 -22.49 12.88 14.71
CA ILE A 33 -21.18 12.67 15.30
C ILE A 33 -21.02 13.72 16.38
N LEU A 34 -20.80 13.27 17.61
CA LEU A 34 -20.67 14.16 18.75
C LEU A 34 -19.42 15.00 18.66
N SER A 35 -19.58 16.30 18.92
CA SER A 35 -18.47 17.25 18.97
C SER A 35 -17.34 16.77 19.88
N LYS A 36 -17.70 16.04 20.95
CA LYS A 36 -16.70 15.56 21.90
C LYS A 36 -15.89 14.38 21.36
N ASN A 37 -16.43 13.72 20.33
CA ASN A 37 -15.67 12.73 19.56
C ASN A 37 -14.98 13.34 18.31
N ILE A 38 -14.78 14.64 18.29
CA ILE A 38 -14.09 15.31 17.17
C ILE A 38 -12.87 16.05 17.71
N VAL A 39 -11.69 15.53 17.46
CA VAL A 39 -10.45 16.15 17.92
C VAL A 39 -9.72 16.77 16.74
N ALA A 40 -9.45 18.07 16.83
CA ALA A 40 -8.64 18.79 15.84
C ALA A 40 -7.17 18.38 15.99
N VAL A 41 -6.57 17.95 14.88
CA VAL A 41 -5.20 17.43 14.91
C VAL A 41 -4.35 18.20 13.88
N GLY A 42 -3.19 17.65 13.53
CA GLY A 42 -2.34 18.26 12.52
C GLY A 42 -1.76 19.59 12.96
N SER A 43 -1.45 20.43 12.00
CA SER A 43 -0.81 21.72 12.29
C SER A 43 -1.72 22.67 13.07
N LEU A 44 -3.03 22.50 12.95
CA LEU A 44 -3.98 23.30 13.74
C LEU A 44 -3.81 23.06 15.25
N ARG A 45 -3.70 21.80 15.65
CA ARG A 45 -3.46 21.46 17.06
C ARG A 45 -2.09 21.97 17.53
N ARG A 46 -1.12 21.96 16.61
CA ARG A 46 0.22 22.49 16.91
C ARG A 46 0.26 24.01 16.81
N GLU A 47 -0.88 24.62 16.49
CA GLU A 47 -1.05 26.07 16.54
C GLU A 47 -0.05 26.79 15.63
N GLU A 48 0.18 26.22 14.45
CA GLU A 48 1.03 26.86 13.43
C GLU A 48 0.25 28.00 12.81
N LYS A 49 0.96 29.07 12.45
CA LYS A 49 0.30 30.28 11.98
C LYS A 49 -0.42 30.09 10.65
N MET A 50 0.16 29.27 9.77
CA MET A 50 -0.48 28.93 8.50
C MET A 50 -0.63 27.42 8.39
N LEU A 51 -1.68 27.00 7.71
CA LEU A 51 -2.02 25.59 7.57
C LEU A 51 -2.29 25.26 6.10
N ASN A 52 -1.87 24.09 5.65
CA ASN A 52 -2.17 23.65 4.29
C ASN A 52 -3.55 23.03 4.15
N ASP A 53 -4.10 22.59 5.28
CA ASP A 53 -5.41 21.94 5.31
C ASP A 53 -5.90 21.81 6.75
N VAL A 54 -7.15 21.38 6.92
CA VAL A 54 -7.73 21.12 8.25
C VAL A 54 -7.85 19.62 8.49
N ASP A 55 -7.23 19.14 9.57
CA ASP A 55 -7.21 17.71 9.91
C ASP A 55 -8.10 17.47 11.13
N LEU A 56 -9.14 16.64 10.99
CA LEU A 56 -9.97 16.21 12.12
C LEU A 56 -9.94 14.71 12.37
N LEU A 57 -9.65 14.32 13.60
CA LEU A 57 -9.74 12.92 14.02
C LEU A 57 -11.14 12.68 14.60
N ILE A 58 -11.81 11.64 14.11
CA ILE A 58 -13.11 11.25 14.62
C ILE A 58 -12.98 9.98 15.44
N ILE A 59 -13.43 10.05 16.69
CA ILE A 59 -13.38 8.92 17.62
C ILE A 59 -14.68 8.13 17.53
N VAL A 60 -14.56 6.83 17.25
CA VAL A 60 -15.75 6.04 16.98
C VAL A 60 -15.99 5.04 18.13
N PRO A 61 -17.23 5.02 18.65
CA PRO A 61 -17.54 4.23 19.85
C PRO A 61 -17.23 2.74 19.72
N GLU A 62 -17.68 2.11 18.63
CA GLU A 62 -17.55 0.66 18.44
C GLU A 62 -16.91 0.33 17.10
N LYS A 63 -16.18 -0.79 17.05
CA LYS A 63 -15.49 -1.22 15.83
C LYS A 63 -16.44 -1.46 14.65
N LYS A 64 -17.68 -1.86 14.95
CA LYS A 64 -18.68 -2.15 13.91
C LYS A 64 -19.06 -0.92 13.07
N LEU A 65 -18.84 0.27 13.63
CA LEU A 65 -19.19 1.52 12.95
C LEU A 65 -18.14 2.00 11.96
N LEU A 66 -16.92 1.50 12.05
CA LEU A 66 -15.84 1.88 11.10
C LEU A 66 -16.25 1.73 9.64
N LYS A 67 -16.93 0.63 9.33
CA LYS A 67 -17.47 0.40 7.98
C LYS A 67 -18.27 1.59 7.47
N HIS A 68 -18.94 2.29 8.38
CA HIS A 68 -19.99 3.23 8.01
C HIS A 68 -19.69 4.72 8.19
N VAL A 69 -18.76 5.08 9.08
CA VAL A 69 -18.62 6.50 9.45
C VAL A 69 -18.11 7.36 8.28
N LEU A 70 -16.86 7.19 7.87
CA LEU A 70 -16.34 8.00 6.75
C LEU A 70 -17.00 7.65 5.42
N PRO A 71 -17.18 6.35 5.12
CA PRO A 71 -17.79 6.00 3.82
C PRO A 71 -19.21 6.52 3.64
N ASN A 72 -19.89 6.85 4.73
CA ASN A 72 -21.22 7.47 4.65
C ASN A 72 -21.29 8.80 5.40
N ILE A 73 -20.19 9.55 5.38
CA ILE A 73 -20.11 10.86 6.02
C ILE A 73 -21.11 11.84 5.40
N ARG A 74 -21.61 12.75 6.23
CA ARG A 74 -22.46 13.84 5.79
C ARG A 74 -22.08 15.09 6.53
N ILE A 75 -22.21 16.24 5.88
CA ILE A 75 -22.02 17.51 6.55
C ILE A 75 -23.22 18.38 6.23
N LYS A 76 -23.96 18.78 7.27
CA LYS A 76 -25.17 19.56 7.08
C LYS A 76 -24.88 20.89 6.40
N GLY A 77 -25.45 21.07 5.20
CA GLY A 77 -25.45 22.37 4.51
C GLY A 77 -24.11 22.98 4.13
N LEU A 78 -23.15 22.15 3.76
CA LEU A 78 -21.81 22.56 3.34
C LEU A 78 -21.54 21.95 1.97
N SER A 79 -21.12 22.76 1.01
CA SER A 79 -20.82 22.24 -0.33
C SER A 79 -19.45 21.59 -0.29
N PHE A 80 -19.35 20.36 -0.77
CA PHE A 80 -18.06 19.70 -0.85
C PHE A 80 -18.05 18.55 -1.86
N SER A 81 -16.85 18.06 -2.14
CA SER A 81 -16.69 16.87 -2.95
C SER A 81 -15.62 15.97 -2.35
N VAL A 82 -15.68 14.68 -2.68
CA VAL A 82 -14.76 13.70 -2.12
C VAL A 82 -13.56 13.55 -3.02
N LYS A 83 -12.38 13.52 -2.42
CA LYS A 83 -11.16 13.23 -3.16
C LYS A 83 -10.96 11.71 -3.11
N VAL A 84 -10.72 11.18 -1.91
CA VAL A 84 -10.66 9.74 -1.66
C VAL A 84 -11.36 9.45 -0.32
N CYS A 85 -11.82 8.21 -0.13
CA CYS A 85 -12.54 7.86 1.10
C CYS A 85 -12.53 6.37 1.40
N GLY A 86 -11.81 5.98 2.44
CA GLY A 86 -11.86 4.63 2.98
C GLY A 86 -12.39 4.68 4.40
N GLU A 87 -12.15 3.62 5.17
CA GLU A 87 -12.62 3.54 6.55
C GLU A 87 -11.79 4.38 7.51
N ARG A 88 -10.53 4.62 7.17
CA ARG A 88 -9.58 5.29 8.07
C ARG A 88 -9.18 6.68 7.64
N LYS A 89 -9.29 6.99 6.35
CA LYS A 89 -9.02 8.34 5.86
C LYS A 89 -10.02 8.76 4.78
N CYS A 90 -10.59 9.95 4.93
CA CYS A 90 -11.44 10.56 3.91
C CYS A 90 -10.99 12.00 3.69
N VAL A 91 -10.73 12.36 2.43
CA VAL A 91 -10.25 13.69 2.08
C VAL A 91 -11.33 14.42 1.29
N LEU A 92 -11.72 15.58 1.81
CA LEU A 92 -12.78 16.38 1.20
C LEU A 92 -12.24 17.72 0.76
N PHE A 93 -12.82 18.22 -0.32
CA PHE A 93 -12.62 19.59 -0.73
C PHE A 93 -13.91 20.31 -0.39
N ILE A 94 -13.83 21.19 0.60
CA ILE A 94 -15.01 21.94 1.06
C ILE A 94 -14.99 23.36 0.53
N GLU A 95 -16.18 23.92 0.33
CA GLU A 95 -16.33 25.34 0.01
C GLU A 95 -16.57 26.08 1.32
N TRP A 96 -15.70 27.04 1.62
CA TRP A 96 -15.84 27.88 2.81
C TRP A 96 -15.63 29.34 2.44
N GLU A 97 -16.63 30.16 2.76
CA GLU A 97 -16.60 31.59 2.42
C GLU A 97 -15.99 31.84 1.04
N LYS A 98 -16.54 31.14 0.04
CA LYS A 98 -16.19 31.30 -1.39
C LYS A 98 -14.77 30.85 -1.81
N LYS A 99 -14.11 30.11 -0.94
CA LYS A 99 -12.81 29.49 -1.23
C LYS A 99 -12.93 27.98 -1.02
N THR A 100 -12.08 27.24 -1.72
CA THR A 100 -12.00 25.79 -1.63
C THR A 100 -10.83 25.38 -0.72
N TYR A 101 -11.12 24.57 0.30
CA TYR A 101 -10.08 24.09 1.22
C TYR A 101 -10.11 22.58 1.36
N GLN A 102 -8.96 21.98 1.65
CA GLN A 102 -8.87 20.55 1.93
C GLN A 102 -9.20 20.26 3.39
N LEU A 103 -10.09 19.31 3.61
CA LEU A 103 -10.46 18.84 4.93
C LEU A 103 -10.12 17.36 5.01
N ASP A 104 -9.27 16.97 5.95
CA ASP A 104 -8.90 15.58 6.12
C ASP A 104 -9.59 14.96 7.32
N LEU A 105 -10.32 13.88 7.10
CA LEU A 105 -11.00 13.17 8.19
C LEU A 105 -10.35 11.82 8.43
N PHE A 106 -9.98 11.57 9.68
CA PHE A 106 -9.38 10.31 10.08
C PHE A 106 -10.26 9.68 11.16
N THR A 107 -10.22 8.36 11.27
CA THR A 107 -10.95 7.67 12.34
C THR A 107 -10.02 6.90 13.27
N ALA A 108 -10.31 6.98 14.56
CA ALA A 108 -9.69 6.11 15.56
C ALA A 108 -10.76 5.47 16.41
N LEU A 109 -10.55 4.22 16.79
CA LEU A 109 -11.40 3.58 17.79
C LEU A 109 -11.04 4.14 19.15
N ALA A 110 -11.97 4.01 20.09
CA ALA A 110 -11.81 4.61 21.42
C ALA A 110 -10.55 4.13 22.12
N GLU A 111 -10.30 2.82 22.05
CA GLU A 111 -9.06 2.24 22.60
C GLU A 111 -7.78 2.71 21.88
N GLU A 112 -7.93 3.22 20.66
CA GLU A 112 -6.77 3.72 19.90
C GLU A 112 -6.53 5.20 20.12
N LYS A 113 -7.50 5.90 20.72
CA LYS A 113 -7.53 7.37 20.74
C LYS A 113 -6.19 8.09 21.01
N PRO A 114 -5.54 7.80 22.15
CA PRO A 114 -4.29 8.52 22.44
C PRO A 114 -3.17 8.26 21.41
N TYR A 115 -3.10 7.04 20.85
CA TYR A 115 -2.10 6.72 19.83
C TYR A 115 -2.39 7.49 18.54
N ALA A 116 -3.66 7.55 18.17
CA ALA A 116 -4.12 8.32 17.01
C ALA A 116 -3.81 9.80 17.16
N ILE A 117 -4.23 10.39 18.29
CA ILE A 117 -3.97 11.80 18.57
C ILE A 117 -2.47 12.12 18.49
N PHE A 118 -1.63 11.25 19.04
CA PHE A 118 -0.19 11.44 19.03
C PHE A 118 0.34 11.41 17.60
N HIS A 119 -0.07 10.40 16.85
CA HIS A 119 0.31 10.23 15.44
C HIS A 119 -0.10 11.44 14.59
N PHE A 120 -1.37 11.79 14.59
CA PHE A 120 -1.89 12.86 13.73
C PHE A 120 -1.55 14.27 14.21
N THR A 121 -1.01 14.42 15.41
CA THR A 121 -0.55 15.73 15.88
C THR A 121 0.79 16.08 15.20
N GLY A 122 1.65 15.08 15.06
CA GLY A 122 2.96 15.30 14.45
C GLY A 122 3.82 16.22 15.30
N PRO A 123 4.75 16.95 14.67
CA PRO A 123 5.03 16.96 13.24
C PRO A 123 5.76 15.70 12.82
N VAL A 124 5.98 15.53 11.52
CA VAL A 124 6.54 14.30 10.98
C VAL A 124 7.93 14.04 11.55
N SER A 125 8.78 15.06 11.56
CA SER A 125 10.16 14.95 12.02
C SER A 125 10.26 14.45 13.46
N TYR A 126 9.32 14.91 14.29
CA TYR A 126 9.27 14.53 15.71
C TYR A 126 8.92 13.05 15.84
N LEU A 127 7.90 12.62 15.10
CA LEU A 127 7.44 11.23 15.12
C LEU A 127 8.50 10.25 14.63
N ILE A 128 9.28 10.65 13.63
CA ILE A 128 10.35 9.79 13.09
C ILE A 128 11.38 9.51 14.18
N ARG A 129 11.74 10.55 14.94
CA ARG A 129 12.71 10.41 16.03
C ARG A 129 12.17 9.51 17.13
N ILE A 130 10.97 9.81 17.60
CA ILE A 130 10.32 9.05 18.67
C ILE A 130 10.24 7.56 18.31
N ARG A 131 9.72 7.27 17.13
CA ARG A 131 9.54 5.90 16.68
C ARG A 131 10.86 5.15 16.47
N ALA A 132 11.85 5.85 15.94
CA ALA A 132 13.18 5.26 15.73
C ALA A 132 13.84 4.87 17.05
N ALA A 133 13.63 5.69 18.07
CA ALA A 133 14.14 5.40 19.42
C ALA A 133 13.50 4.14 20.00
N LEU A 134 12.18 4.04 19.85
CA LEU A 134 11.44 2.87 20.27
C LEU A 134 11.80 1.64 19.42
N LYS A 135 12.16 1.87 18.15
CA LYS A 135 12.59 0.78 17.27
C LYS A 135 13.89 0.14 17.74
N LYS A 136 14.76 0.95 18.34
CA LYS A 136 16.03 0.44 18.88
C LYS A 136 15.84 -0.39 20.15
N LYS A 137 14.73 -0.18 20.84
CA LYS A 137 14.34 -1.04 21.99
C LYS A 137 13.35 -2.12 21.56
N ASN A 138 13.28 -2.37 20.24
CA ASN A 138 12.49 -3.46 19.67
C ASN A 138 10.96 -3.27 19.73
N TYR A 139 10.50 -2.03 19.87
CA TYR A 139 9.06 -1.72 19.80
C TYR A 139 8.69 -1.12 18.43
N LYS A 140 7.43 -1.28 18.04
CA LYS A 140 6.85 -0.57 16.90
C LYS A 140 5.68 0.28 17.40
N LEU A 141 5.73 1.58 17.11
CA LEU A 141 4.65 2.50 17.47
C LEU A 141 3.95 2.98 16.21
N ASN A 142 2.61 2.89 16.20
CA ASN A 142 1.80 3.47 15.12
C ASN A 142 0.57 4.18 15.69
N GLN A 143 -0.40 4.49 14.83
CA GLN A 143 -1.59 5.23 15.23
C GLN A 143 -2.64 4.37 15.94
N TYR A 144 -2.37 3.07 16.03
CA TYR A 144 -3.30 2.10 16.59
C TYR A 144 -2.86 1.58 17.95
N GLY A 145 -1.55 1.59 18.21
CA GLY A 145 -1.02 1.06 19.46
C GLY A 145 0.49 0.97 19.51
N LEU A 146 0.98 0.45 20.63
CA LEU A 146 2.39 0.12 20.81
C LEU A 146 2.53 -1.38 20.71
N PHE A 147 3.47 -1.85 19.91
CA PHE A 147 3.63 -3.28 19.63
C PHE A 147 5.04 -3.79 19.88
N LYS A 148 5.13 -5.09 20.15
CA LYS A 148 6.39 -5.77 20.44
C LYS A 148 6.24 -7.19 19.92
N ASN A 149 7.07 -7.56 18.94
CA ASN A 149 6.97 -8.87 18.27
C ASN A 149 5.57 -9.14 17.72
N GLN A 150 5.01 -8.16 17.01
CA GLN A 150 3.66 -8.26 16.46
C GLN A 150 2.57 -8.53 17.51
N THR A 151 2.80 -8.10 18.75
CA THR A 151 1.82 -8.24 19.84
C THR A 151 1.56 -6.88 20.47
N LEU A 152 0.28 -6.56 20.68
CA LEU A 152 -0.10 -5.30 21.31
C LEU A 152 0.47 -5.23 22.73
N VAL A 153 1.10 -4.11 23.05
CA VAL A 153 1.59 -3.86 24.41
C VAL A 153 0.51 -3.11 25.17
N PRO A 154 -0.16 -3.80 26.11
CA PRO A 154 -1.33 -3.22 26.75
C PRO A 154 -0.99 -2.20 27.85
N LEU A 155 -0.70 -0.97 27.45
CA LEU A 155 -0.42 0.10 28.42
C LEU A 155 -1.68 0.54 29.14
N LYS A 156 -1.56 0.76 30.44
CA LYS A 156 -2.68 1.28 31.21
C LYS A 156 -2.69 2.80 31.14
N ILE A 157 -3.12 3.33 29.99
CA ILE A 157 -3.24 4.77 29.77
C ILE A 157 -4.53 5.19 29.11
N THR A 158 -4.83 6.48 29.23
CA THR A 158 -6.02 7.06 28.64
C THR A 158 -5.74 8.24 27.71
N THR A 159 -4.90 9.16 28.17
CA THR A 159 -4.65 10.41 27.45
C THR A 159 -3.36 10.36 26.63
N GLU A 160 -3.21 11.32 25.73
CA GLU A 160 -1.99 11.49 24.98
C GLU A 160 -0.82 11.77 25.92
N LYS A 161 -1.02 12.68 26.86
CA LYS A 161 0.01 13.02 27.84
C LYS A 161 0.51 11.79 28.58
N GLU A 162 -0.43 10.96 29.04
CA GLU A 162 -0.10 9.71 29.72
C GLU A 162 0.67 8.75 28.81
N LEU A 163 0.27 8.68 27.55
CA LEU A 163 0.96 7.84 26.58
C LEU A 163 2.43 8.23 26.43
N ILE A 164 2.68 9.50 26.18
CA ILE A 164 4.03 9.97 25.88
C ILE A 164 4.97 9.72 27.05
N LYS A 165 4.51 10.02 28.26
CA LYS A 165 5.30 9.80 29.47
C LYS A 165 5.48 8.30 29.78
N GLU A 166 4.50 7.48 29.42
CA GLU A 166 4.63 6.02 29.55
C GLU A 166 5.62 5.48 28.51
N LEU A 167 5.68 6.11 27.34
CA LEU A 167 6.65 5.73 26.32
C LEU A 167 8.09 6.04 26.74
N GLY A 168 8.25 6.89 27.76
CA GLY A 168 9.55 7.22 28.31
C GLY A 168 10.14 8.50 27.74
N PHE A 169 9.28 9.36 27.18
CA PHE A 169 9.71 10.62 26.60
C PHE A 169 9.21 11.81 27.39
N THR A 170 9.82 12.95 27.15
CA THR A 170 9.43 14.20 27.82
C THR A 170 8.19 14.74 27.13
N TYR A 171 7.18 15.08 27.92
CA TYR A 171 5.95 15.63 27.38
C TYR A 171 6.15 17.08 27.00
N ARG A 172 5.79 17.42 25.77
CA ARG A 172 5.75 18.79 25.30
C ARG A 172 4.38 19.07 24.70
N ILE A 173 3.84 20.24 24.96
CA ILE A 173 2.57 20.63 24.37
C ILE A 173 2.74 20.67 22.84
N PRO A 174 1.67 20.36 22.08
CA PRO A 174 1.74 20.27 20.62
C PRO A 174 2.55 21.40 19.97
N LYS A 175 2.35 22.62 20.45
CA LYS A 175 3.02 23.81 19.93
C LYS A 175 4.56 23.71 19.99
N LYS A 176 5.09 22.94 20.95
CA LYS A 176 6.54 22.86 21.18
C LYS A 176 7.19 21.53 20.71
N ARG A 177 6.44 20.72 19.97
CA ARG A 177 7.01 19.50 19.41
C ARG A 177 7.71 19.82 18.07
N LEU A 178 9.02 19.59 17.98
CA LEU A 178 9.76 19.86 16.72
C LEU A 178 10.59 18.65 16.29
N GLY B 4 -2.98 -2.10 -25.84
CA GLY B 4 -3.54 -2.85 -27.03
C GLY B 4 -3.46 -4.35 -26.88
N MET B 5 -4.42 -5.06 -27.46
CA MET B 5 -4.50 -6.50 -27.34
C MET B 5 -3.55 -7.17 -28.34
N LEU B 6 -2.95 -8.28 -27.92
CA LEU B 6 -2.01 -9.01 -28.75
C LEU B 6 -2.53 -10.41 -28.97
N THR B 7 -2.19 -11.00 -30.11
CA THR B 7 -2.37 -12.42 -30.31
C THR B 7 -1.23 -13.13 -29.58
N LEU B 8 -1.44 -14.41 -29.28
CA LEU B 8 -0.39 -15.23 -28.65
C LEU B 8 0.91 -15.16 -29.43
N ILE B 9 0.82 -15.32 -30.74
CA ILE B 9 1.99 -15.31 -31.62
C ILE B 9 2.69 -13.94 -31.60
N GLN B 10 1.92 -12.86 -31.64
CA GLN B 10 2.50 -11.51 -31.53
C GLN B 10 3.31 -11.39 -30.25
N GLY B 11 2.74 -11.88 -29.16
CA GLY B 11 3.38 -11.85 -27.86
C GLY B 11 4.68 -12.63 -27.84
N LYS B 12 4.68 -13.81 -28.45
CA LYS B 12 5.86 -14.65 -28.51
C LYS B 12 7.01 -14.03 -29.30
N LYS B 13 6.67 -13.31 -30.37
CA LYS B 13 7.68 -12.61 -31.17
C LYS B 13 8.27 -11.41 -30.44
N ILE B 14 7.48 -10.78 -29.57
CA ILE B 14 7.95 -9.68 -28.74
C ILE B 14 8.92 -10.20 -27.68
N VAL B 15 8.52 -11.26 -27.00
CA VAL B 15 9.37 -11.89 -25.99
C VAL B 15 10.70 -12.29 -26.62
N ASN B 16 10.63 -12.96 -27.77
CA ASN B 16 11.84 -13.39 -28.46
C ASN B 16 12.76 -12.23 -28.80
N HIS B 17 12.19 -11.14 -29.31
CA HIS B 17 12.96 -9.93 -29.57
C HIS B 17 13.63 -9.43 -28.28
N LEU B 18 12.87 -9.36 -27.19
CA LEU B 18 13.39 -8.81 -25.93
C LEU B 18 14.41 -9.72 -25.23
N ARG B 19 14.33 -11.03 -25.46
CA ARG B 19 15.20 -11.99 -24.77
C ARG B 19 16.69 -11.62 -24.82
N SER B 20 17.13 -11.02 -25.92
CA SER B 20 18.52 -10.65 -26.10
C SER B 20 18.80 -9.17 -25.83
N ARG B 21 17.77 -8.39 -25.48
CA ARG B 21 17.89 -6.93 -25.50
C ARG B 21 17.75 -6.22 -24.14
N LEU B 22 17.42 -6.94 -23.08
CA LEU B 22 17.29 -6.32 -21.76
C LEU B 22 18.63 -6.15 -21.05
N ALA B 23 18.75 -5.05 -20.30
CA ALA B 23 19.93 -4.80 -19.49
C ALA B 23 19.59 -3.79 -18.39
N PHE B 24 20.51 -3.61 -17.46
CA PHE B 24 20.39 -2.60 -16.41
C PHE B 24 21.75 -2.01 -16.05
N GLU B 25 21.72 -0.80 -15.49
CA GLU B 25 22.93 -0.14 -15.02
C GLU B 25 23.14 -0.42 -13.54
N TYR B 26 24.36 -0.83 -13.20
CA TYR B 26 24.72 -1.13 -11.81
N GLY B 28 26.78 1.65 -12.02
CA GLY B 28 27.52 2.40 -13.03
C GLY B 28 27.81 1.58 -14.29
N GLN B 29 28.13 0.30 -14.10
CA GLN B 29 28.36 -0.62 -15.23
C GLN B 29 27.05 -1.04 -15.87
N LEU B 30 27.09 -1.30 -17.19
CA LEU B 30 25.93 -1.81 -17.93
C LEU B 30 25.98 -3.34 -17.98
N ILE B 31 25.04 -3.98 -17.29
CA ILE B 31 24.99 -5.44 -17.16
C ILE B 31 23.84 -6.01 -17.97
N LYS B 32 24.16 -6.93 -18.88
CA LYS B 32 23.16 -7.63 -19.69
C LYS B 32 22.33 -8.57 -18.81
N ILE B 33 21.03 -8.61 -19.07
CA ILE B 33 20.15 -9.57 -18.43
C ILE B 33 20.10 -10.81 -19.32
N LEU B 34 20.53 -11.94 -18.77
CA LEU B 34 20.60 -13.20 -19.52
C LEU B 34 19.21 -13.70 -19.89
N SER B 35 19.07 -14.11 -21.15
CA SER B 35 17.83 -14.70 -21.66
C SER B 35 17.34 -15.85 -20.77
N LYS B 36 18.28 -16.59 -20.17
CA LYS B 36 17.93 -17.72 -19.32
C LYS B 36 17.36 -17.28 -17.97
N ASN B 37 17.62 -16.02 -17.59
CA ASN B 37 16.95 -15.39 -16.44
C ASN B 37 15.71 -14.57 -16.83
N ILE B 38 15.12 -14.86 -17.99
CA ILE B 38 13.90 -14.19 -18.42
C ILE B 38 12.83 -15.23 -18.69
N VAL B 39 11.82 -15.28 -17.82
CA VAL B 39 10.74 -16.24 -17.96
C VAL B 39 9.46 -15.52 -18.35
N ALA B 40 8.86 -15.93 -19.48
CA ALA B 40 7.55 -15.43 -19.89
C ALA B 40 6.46 -16.00 -18.99
N VAL B 41 5.63 -15.13 -18.43
CA VAL B 41 4.60 -15.54 -17.47
C VAL B 41 3.24 -15.01 -17.93
N GLY B 42 2.25 -15.02 -17.03
CA GLY B 42 0.93 -14.48 -17.35
C GLY B 42 0.20 -15.32 -18.37
N SER B 43 -0.72 -14.69 -19.10
CA SER B 43 -1.55 -15.39 -20.08
C SER B 43 -0.75 -15.94 -21.26
N LEU B 44 0.41 -15.35 -21.55
CA LEU B 44 1.30 -15.86 -22.60
C LEU B 44 1.79 -17.27 -22.26
N ARG B 45 2.23 -17.46 -21.03
CA ARG B 45 2.68 -18.79 -20.58
C ARG B 45 1.52 -19.77 -20.57
N ARG B 46 0.31 -19.29 -20.27
CA ARG B 46 -0.89 -20.13 -20.29
C ARG B 46 -1.44 -20.31 -21.72
N GLU B 47 -0.75 -19.72 -22.70
CA GLU B 47 -1.03 -19.92 -24.11
C GLU B 47 -2.45 -19.54 -24.49
N GLU B 48 -2.93 -18.43 -23.92
CA GLU B 48 -4.26 -17.90 -24.24
C GLU B 48 -4.17 -17.24 -25.59
N LYS B 49 -5.24 -17.34 -26.37
CA LYS B 49 -5.19 -16.89 -27.76
C LYS B 49 -5.03 -15.38 -27.88
N MET B 50 -5.62 -14.64 -26.93
CA MET B 50 -5.45 -13.19 -26.87
C MET B 50 -4.92 -12.79 -25.49
N LEU B 51 -4.12 -11.72 -25.47
CA LEU B 51 -3.47 -11.23 -24.27
C LEU B 51 -3.69 -9.73 -24.11
N ASN B 52 -3.89 -9.26 -22.88
CA ASN B 52 -4.00 -7.82 -22.64
C ASN B 52 -2.65 -7.13 -22.55
N ASP B 53 -1.60 -7.91 -22.27
CA ASP B 53 -0.25 -7.38 -22.12
C ASP B 53 0.76 -8.51 -22.09
N VAL B 54 2.04 -8.17 -22.14
CA VAL B 54 3.12 -9.15 -22.05
C VAL B 54 3.75 -9.07 -20.67
N ASP B 55 3.76 -10.19 -19.96
CA ASP B 55 4.32 -10.27 -18.61
C ASP B 55 5.64 -11.06 -18.65
N LEU B 56 6.75 -10.43 -18.25
CA LEU B 56 8.04 -11.11 -18.09
C LEU B 56 8.55 -11.07 -16.67
N LEU B 57 8.90 -12.25 -16.16
CA LEU B 57 9.57 -12.35 -14.87
C LEU B 57 11.09 -12.36 -15.09
N ILE B 58 11.79 -11.48 -14.37
CA ILE B 58 13.24 -11.44 -14.42
C ILE B 58 13.82 -12.04 -13.15
N ILE B 59 14.71 -13.01 -13.30
CA ILE B 59 15.37 -13.68 -12.18
C ILE B 59 16.70 -12.99 -11.88
N VAL B 60 16.84 -12.56 -10.63
CA VAL B 60 17.97 -11.74 -10.16
C VAL B 60 18.95 -12.59 -9.37
N PRO B 61 20.25 -12.60 -9.76
CA PRO B 61 21.22 -13.45 -9.07
C PRO B 61 21.35 -13.22 -7.56
N GLU B 62 21.48 -11.95 -7.14
CA GLU B 62 21.65 -11.62 -5.71
C GLU B 62 20.74 -10.48 -5.25
N LYS B 63 20.41 -10.48 -3.95
CA LYS B 63 19.46 -9.51 -3.38
C LYS B 63 19.91 -8.05 -3.54
N LYS B 64 21.22 -7.82 -3.56
CA LYS B 64 21.76 -6.46 -3.67
C LYS B 64 21.42 -5.79 -5.01
N LEU B 65 21.12 -6.59 -6.03
CA LEU B 65 20.81 -6.07 -7.37
C LEU B 65 19.35 -5.62 -7.52
N LEU B 66 18.47 -6.03 -6.62
CA LEU B 66 17.05 -5.61 -6.67
C LEU B 66 16.89 -4.10 -6.75
N LYS B 67 17.69 -3.38 -5.96
CA LYS B 67 17.71 -1.92 -5.99
C LYS B 67 17.89 -1.38 -7.40
N HIS B 68 18.62 -2.10 -8.24
CA HIS B 68 19.14 -1.57 -9.51
C HIS B 68 18.50 -2.11 -10.80
N VAL B 69 17.92 -3.31 -10.78
CA VAL B 69 17.50 -3.96 -12.03
C VAL B 69 16.36 -3.22 -12.75
N LEU B 70 15.15 -3.25 -12.18
CA LEU B 70 14.03 -2.55 -12.81
C LEU B 70 14.18 -1.02 -12.77
N PRO B 71 14.62 -0.46 -11.62
CA PRO B 71 14.77 1.00 -11.58
C PRO B 71 15.78 1.58 -12.58
N ASN B 72 16.72 0.75 -13.06
CA ASN B 72 17.67 1.17 -14.10
C ASN B 72 17.62 0.29 -15.34
N ILE B 73 16.42 -0.22 -15.66
CA ILE B 73 16.23 -1.08 -16.82
C ILE B 73 16.59 -0.34 -18.13
N ARG B 74 17.07 -1.09 -19.11
CA ARG B 74 17.33 -0.58 -20.45
C ARG B 74 16.92 -1.64 -21.49
N ILE B 75 16.46 -1.18 -22.65
CA ILE B 75 16.14 -2.10 -23.74
C ILE B 75 16.81 -1.59 -25.02
N LYS B 76 17.72 -2.40 -25.57
CA LYS B 76 18.43 -2.11 -26.81
C LYS B 76 17.44 -2.27 -27.95
N GLY B 77 17.51 -1.33 -28.90
CA GLY B 77 16.67 -1.38 -30.08
C GLY B 77 15.19 -1.44 -29.77
N LEU B 78 14.72 -0.56 -28.87
CA LEU B 78 13.29 -0.37 -28.68
C LEU B 78 12.91 1.00 -28.12
N SER B 79 11.85 1.60 -28.66
CA SER B 79 11.27 2.82 -28.11
C SER B 79 10.19 2.51 -27.07
N PHE B 80 10.29 3.14 -25.90
CA PHE B 80 9.31 2.93 -24.83
C PHE B 80 9.33 4.03 -23.78
N SER B 81 8.35 3.98 -22.89
CA SER B 81 8.33 4.84 -21.72
C SER B 81 7.88 4.05 -20.50
N VAL B 82 8.27 4.54 -19.33
CA VAL B 82 7.93 3.89 -18.07
C VAL B 82 6.61 4.44 -17.56
N LYS B 83 5.73 3.55 -17.11
CA LYS B 83 4.48 3.94 -16.49
C LYS B 83 4.76 4.09 -14.99
N VAL B 84 5.05 2.97 -14.32
CA VAL B 84 5.45 2.98 -12.92
C VAL B 84 6.59 2.00 -12.78
N CYS B 85 7.41 2.18 -11.75
CA CYS B 85 8.59 1.35 -11.58
C CYS B 85 9.11 1.33 -10.16
N GLY B 86 8.98 0.19 -9.51
CA GLY B 86 9.64 -0.06 -8.25
C GLY B 86 10.62 -1.19 -8.43
N GLU B 87 11.02 -1.79 -7.31
CA GLU B 87 11.99 -2.87 -7.34
C GLU B 87 11.39 -4.20 -7.80
N ARG B 88 10.08 -4.36 -7.61
CA ARG B 88 9.38 -5.63 -7.88
C ARG B 88 8.46 -5.61 -9.07
N LYS B 89 7.97 -4.44 -9.46
CA LYS B 89 7.16 -4.32 -10.66
C LYS B 89 7.51 -3.05 -11.44
N CYS B 90 7.72 -3.22 -12.75
CA CYS B 90 7.90 -2.09 -13.66
C CYS B 90 6.99 -2.28 -14.86
N VAL B 91 6.20 -1.27 -15.18
CA VAL B 91 5.27 -1.33 -16.30
C VAL B 91 5.74 -0.38 -17.38
N LEU B 92 5.93 -0.93 -18.59
CA LEU B 92 6.41 -0.16 -19.73
C LEU B 92 5.37 -0.13 -20.83
N PHE B 93 5.34 0.98 -21.55
CA PHE B 93 4.58 1.09 -22.78
C PHE B 93 5.61 1.08 -23.90
N ILE B 94 5.61 -0.02 -24.67
CA ILE B 94 6.59 -0.21 -25.75
C ILE B 94 5.94 0.01 -27.11
N GLU B 95 6.73 0.51 -28.06
CA GLU B 95 6.30 0.62 -29.45
C GLU B 95 6.75 -0.65 -30.17
N TRP B 96 5.80 -1.36 -30.76
CA TRP B 96 6.06 -2.58 -31.50
C TRP B 96 5.32 -2.53 -32.82
N GLU B 97 6.06 -2.67 -33.92
CA GLU B 97 5.46 -2.61 -35.25
C GLU B 97 4.94 -1.20 -35.30
N LYS B 98 3.66 -1.05 -35.61
CA LYS B 98 3.03 0.27 -35.63
C LYS B 98 2.05 0.40 -34.47
N LYS B 99 2.34 -0.17 -33.30
CA LYS B 99 1.42 -0.14 -32.17
C LYS B 99 2.10 0.01 -30.80
N THR B 100 1.35 0.54 -29.83
CA THR B 100 1.79 0.63 -28.43
C THR B 100 1.21 -0.52 -27.60
N TYR B 101 2.06 -1.23 -26.87
CA TYR B 101 1.64 -2.34 -26.00
C TYR B 101 2.19 -2.21 -24.60
N GLN B 102 1.47 -2.78 -23.62
CA GLN B 102 1.94 -2.81 -22.24
C GLN B 102 2.83 -4.01 -22.01
N LEU B 103 4.00 -3.75 -21.42
CA LEU B 103 4.95 -4.78 -21.05
C LEU B 103 5.15 -4.70 -19.54
N ASP B 104 4.88 -5.79 -18.84
CA ASP B 104 5.02 -5.83 -17.38
C ASP B 104 6.26 -6.62 -17.00
N LEU B 105 7.15 -5.97 -16.25
CA LEU B 105 8.36 -6.61 -15.77
C LEU B 105 8.25 -6.84 -14.26
N PHE B 106 8.47 -8.07 -13.84
CA PHE B 106 8.49 -8.43 -12.44
C PHE B 106 9.86 -9.00 -12.11
N THR B 107 10.27 -8.87 -10.85
CA THR B 107 11.52 -9.49 -10.41
C THR B 107 11.30 -10.53 -9.33
N ALA B 108 12.06 -11.62 -9.44
CA ALA B 108 12.17 -12.61 -8.38
C ALA B 108 13.65 -12.90 -8.12
N LEU B 109 13.98 -13.10 -6.85
CA LEU B 109 15.31 -13.59 -6.49
C LEU B 109 15.37 -15.06 -6.86
N ALA B 110 16.60 -15.57 -7.02
CA ALA B 110 16.79 -16.96 -7.46
C ALA B 110 16.10 -17.95 -6.53
N GLU B 111 16.25 -17.74 -5.22
CA GLU B 111 15.60 -18.56 -4.21
C GLU B 111 14.06 -18.46 -4.25
N GLU B 112 13.54 -17.39 -4.85
CA GLU B 112 12.10 -17.19 -4.98
C GLU B 112 11.53 -17.75 -6.29
N LYS B 113 12.40 -18.07 -7.24
CA LYS B 113 11.99 -18.32 -8.63
C LYS B 113 10.73 -19.17 -8.84
N PRO B 114 10.70 -20.39 -8.30
CA PRO B 114 9.52 -21.21 -8.57
C PRO B 114 8.21 -20.65 -7.96
N TYR B 115 8.31 -19.96 -6.83
CA TYR B 115 7.13 -19.33 -6.21
C TYR B 115 6.62 -18.18 -7.08
N ALA B 116 7.57 -17.39 -7.58
CA ALA B 116 7.26 -16.29 -8.49
C ALA B 116 6.60 -16.79 -9.76
N ILE B 117 7.23 -17.77 -10.41
CA ILE B 117 6.70 -18.37 -11.65
C ILE B 117 5.26 -18.89 -11.45
N PHE B 118 5.03 -19.55 -10.32
CA PHE B 118 3.71 -20.08 -10.00
C PHE B 118 2.70 -18.95 -9.84
N HIS B 119 3.06 -17.95 -9.04
CA HIS B 119 2.23 -16.76 -8.81
C HIS B 119 1.86 -16.03 -10.10
N PHE B 120 2.88 -15.63 -10.87
CA PHE B 120 2.65 -14.86 -12.10
C PHE B 120 2.12 -15.66 -13.29
N THR B 121 2.08 -16.99 -13.19
CA THR B 121 1.45 -17.79 -14.25
C THR B 121 -0.08 -17.72 -14.13
N GLY B 122 -0.58 -17.73 -12.89
CA GLY B 122 -2.02 -17.66 -12.67
C GLY B 122 -2.71 -18.89 -13.21
N PRO B 123 -3.99 -18.76 -13.61
CA PRO B 123 -4.79 -17.54 -13.56
C PRO B 123 -5.20 -17.21 -12.13
N VAL B 124 -5.83 -16.06 -11.95
CA VAL B 124 -6.16 -15.56 -10.60
C VAL B 124 -7.06 -16.54 -9.86
N SER B 125 -8.12 -17.01 -10.52
CA SER B 125 -9.10 -17.92 -9.90
C SER B 125 -8.47 -19.20 -9.36
N TYR B 126 -7.47 -19.71 -10.09
CA TYR B 126 -6.74 -20.93 -9.70
C TYR B 126 -5.93 -20.68 -8.44
N LEU B 127 -5.20 -19.56 -8.42
CA LEU B 127 -4.36 -19.19 -7.28
C LEU B 127 -5.17 -18.95 -6.00
N ILE B 128 -6.36 -18.36 -6.13
CA ILE B 128 -7.22 -18.12 -4.98
C ILE B 128 -7.61 -19.44 -4.31
N ARG B 129 -7.95 -20.44 -5.13
CA ARG B 129 -8.33 -21.77 -4.63
C ARG B 129 -7.14 -22.44 -3.93
N ILE B 130 -6.00 -22.49 -4.63
CA ILE B 130 -4.78 -23.12 -4.11
C ILE B 130 -4.40 -22.53 -2.75
N ARG B 131 -4.33 -21.21 -2.69
CA ARG B 131 -3.91 -20.50 -1.48
C ARG B 131 -4.90 -20.66 -0.33
N ALA B 132 -6.20 -20.63 -0.64
CA ALA B 132 -7.24 -20.84 0.37
C ALA B 132 -7.15 -22.24 0.98
N ALA B 133 -6.83 -23.24 0.16
CA ALA B 133 -6.64 -24.62 0.64
C ALA B 133 -5.46 -24.72 1.60
N LEU B 134 -4.35 -24.09 1.22
CA LEU B 134 -3.16 -24.02 2.08
C LEU B 134 -3.44 -23.19 3.34
N LYS B 135 -4.32 -22.20 3.24
CA LYS B 135 -4.69 -21.38 4.40
C LYS B 135 -5.44 -22.19 5.46
N LYS B 136 -6.21 -23.18 5.01
CA LYS B 136 -6.94 -24.05 5.93
C LYS B 136 -6.01 -25.03 6.67
N LYS B 137 -4.84 -25.30 6.10
CA LYS B 137 -3.79 -26.07 6.79
C LYS B 137 -2.75 -25.15 7.46
N ASN B 138 -3.12 -23.88 7.63
CA ASN B 138 -2.32 -22.89 8.37
C ASN B 138 -1.04 -22.42 7.66
N TYR B 139 -0.98 -22.58 6.34
CA TYR B 139 0.14 -22.04 5.54
C TYR B 139 -0.26 -20.75 4.83
N LYS B 140 0.72 -19.91 4.53
CA LYS B 140 0.53 -18.76 3.64
C LYS B 140 1.47 -18.93 2.44
N LEU B 141 0.90 -18.89 1.24
CA LEU B 141 1.68 -18.94 0.00
C LEU B 141 1.64 -17.60 -0.72
N ASN B 142 2.80 -17.08 -1.10
CA ASN B 142 2.88 -15.88 -1.95
C ASN B 142 3.94 -16.05 -3.04
N GLN B 143 4.32 -14.96 -3.69
CA GLN B 143 5.30 -15.02 -4.78
C GLN B 143 6.74 -15.15 -4.32
N TYR B 144 6.94 -15.11 -3.01
CA TYR B 144 8.27 -15.13 -2.41
C TYR B 144 8.60 -16.45 -1.73
N GLY B 145 7.57 -17.17 -1.27
CA GLY B 145 7.79 -18.43 -0.58
C GLY B 145 6.55 -19.01 0.04
N LEU B 146 6.74 -20.15 0.71
CA LEU B 146 5.72 -20.79 1.51
C LEU B 146 6.04 -20.53 2.97
N PHE B 147 5.05 -20.07 3.72
CA PHE B 147 5.25 -19.64 5.11
C PHE B 147 4.30 -20.34 6.08
N LYS B 148 4.75 -20.42 7.33
CA LYS B 148 4.00 -21.05 8.41
C LYS B 148 4.37 -20.32 9.69
N ASN B 149 3.40 -19.66 10.33
CA ASN B 149 3.63 -18.84 11.52
C ASN B 149 4.71 -17.79 11.29
N GLN B 150 4.58 -17.06 10.18
CA GLN B 150 5.55 -16.03 9.80
C GLN B 150 7.00 -16.55 9.68
N THR B 151 7.14 -17.82 9.34
CA THR B 151 8.46 -18.43 9.13
C THR B 151 8.51 -19.10 7.76
N LEU B 152 9.58 -18.85 7.02
CA LEU B 152 9.78 -19.47 5.72
C LEU B 152 9.85 -20.99 5.85
N VAL B 153 9.09 -21.70 5.03
CA VAL B 153 9.12 -23.16 5.01
C VAL B 153 10.15 -23.56 3.94
N PRO B 154 11.32 -24.07 4.38
CA PRO B 154 12.43 -24.28 3.45
C PRO B 154 12.29 -25.57 2.63
N LEU B 155 11.50 -25.50 1.56
CA LEU B 155 11.44 -26.57 0.59
C LEU B 155 12.71 -26.40 -0.26
N LYS B 156 13.43 -27.49 -0.56
CA LYS B 156 14.63 -27.42 -1.42
C LYS B 156 14.29 -27.87 -2.83
N ILE B 157 13.45 -27.07 -3.47
CA ILE B 157 12.87 -27.36 -4.78
C ILE B 157 13.49 -26.36 -5.75
N THR B 158 13.49 -26.70 -7.03
CA THR B 158 14.08 -25.84 -8.08
C THR B 158 13.01 -25.32 -9.04
N THR B 159 12.17 -26.22 -9.52
CA THR B 159 11.20 -25.89 -10.55
C THR B 159 9.81 -25.65 -9.99
N GLU B 160 8.99 -25.04 -10.84
CA GLU B 160 7.58 -24.86 -10.54
C GLU B 160 6.87 -26.20 -10.36
N LYS B 161 7.13 -27.14 -11.26
CA LYS B 161 6.54 -28.48 -11.18
C LYS B 161 6.84 -29.10 -9.81
N GLU B 162 8.10 -29.02 -9.38
CA GLU B 162 8.53 -29.54 -8.09
C GLU B 162 7.80 -28.85 -6.94
N LEU B 163 7.60 -27.54 -7.06
CA LEU B 163 6.87 -26.78 -6.06
C LEU B 163 5.43 -27.26 -5.90
N ILE B 164 4.71 -27.33 -7.01
CA ILE B 164 3.28 -27.64 -6.98
C ILE B 164 3.03 -29.02 -6.37
N LYS B 165 3.84 -30.00 -6.77
CA LYS B 165 3.72 -31.36 -6.25
C LYS B 165 4.14 -31.44 -4.78
N GLU B 166 5.10 -30.61 -4.38
CA GLU B 166 5.52 -30.52 -2.98
C GLU B 166 4.42 -29.85 -2.14
N LEU B 167 3.68 -28.93 -2.75
CA LEU B 167 2.54 -28.30 -2.09
C LEU B 167 1.37 -29.26 -1.85
N GLY B 168 1.38 -30.40 -2.56
CA GLY B 168 0.38 -31.43 -2.38
C GLY B 168 -0.78 -31.28 -3.36
N PHE B 169 -0.53 -30.65 -4.50
CA PHE B 169 -1.55 -30.48 -5.53
C PHE B 169 -1.19 -31.23 -6.81
N THR B 170 -2.18 -31.40 -7.67
CA THR B 170 -2.00 -32.07 -8.95
C THR B 170 -1.36 -31.08 -9.93
N TYR B 171 -0.28 -31.51 -10.57
CA TYR B 171 0.38 -30.65 -11.55
C TYR B 171 -0.41 -30.61 -12.84
N ARG B 172 -0.69 -29.40 -13.31
CA ARG B 172 -1.27 -29.19 -14.63
C ARG B 172 -0.41 -28.20 -15.38
N ILE B 173 -0.21 -28.43 -16.67
CA ILE B 173 0.54 -27.49 -17.50
C ILE B 173 -0.22 -26.17 -17.53
N PRO B 174 0.51 -25.03 -17.62
CA PRO B 174 -0.09 -23.70 -17.56
C PRO B 174 -1.39 -23.57 -18.35
N LYS B 175 -1.41 -24.13 -19.56
CA LYS B 175 -2.58 -24.08 -20.44
C LYS B 175 -3.85 -24.67 -19.80
N LYS B 176 -3.70 -25.61 -18.87
CA LYS B 176 -4.84 -26.33 -18.28
C LYS B 176 -5.17 -25.92 -16.83
N ARG B 177 -4.55 -24.84 -16.34
CA ARG B 177 -4.86 -24.34 -15.00
C ARG B 177 -6.05 -23.41 -15.00
N LEU B 178 -6.98 -23.68 -14.10
CA LEU B 178 -8.27 -23.01 -14.04
C LEU B 178 -8.95 -23.28 -12.69
PG DGT E . 0.03 21.00 7.07
O1G DGT E . 1.04 20.74 5.98
O2G DGT E . -0.14 22.42 7.50
O3G DGT E . -1.30 20.34 6.84
O3B DGT E . 0.75 20.33 8.34
PB DGT E . 0.26 18.95 9.03
O1B DGT E . -1.21 19.10 9.22
O2B DGT E . 1.20 18.62 10.16
O3A DGT E . 0.55 17.82 7.94
PA DGT E . -0.52 16.88 7.20
O1A DGT E . -1.86 17.54 7.09
O2A DGT E . 0.24 16.51 5.95
O5' DGT E . -0.58 15.60 8.15
C5' DGT E . -1.46 15.54 9.26
C4' DGT E . -0.88 14.59 10.27
O4' DGT E . -0.68 13.30 9.71
C3' DGT E . 0.50 14.99 10.75
O3' DGT E . 0.46 16.05 11.70
C2' DGT E . 1.01 13.68 11.30
C1' DGT E . 0.48 12.69 10.28
N9 DGT E . 1.51 12.44 9.23
C8 DGT E . 1.69 13.11 8.07
N7 DGT E . 2.75 12.62 7.36
C5 DGT E . 3.27 11.62 8.09
C6 DGT E . 4.38 10.68 7.94
O6 DGT E . 5.11 10.72 6.94
N1 DGT E . 4.61 9.79 8.91
C2 DGT E . 3.83 9.73 10.02
N2 DGT E . 4.09 8.81 10.98
N3 DGT E . 2.78 10.56 10.22
C4 DGT E . 2.47 11.51 9.31
MN MN F . -2.68 19.23 7.85
PG DGT G . -4.23 -10.81 -19.28
O1G DGT G . -5.51 -10.14 -18.90
O2G DGT G . -4.22 -11.35 -20.69
O3G DGT G . -2.95 -10.09 -18.87
O3B DGT G . -4.24 -12.12 -18.36
PB DGT G . -3.14 -12.28 -17.19
O1B DGT G . -1.82 -11.83 -17.73
O2B DGT G . -3.32 -13.65 -16.60
O3A DGT G . -3.63 -11.22 -16.09
PA DGT G . -2.68 -10.05 -15.52
O1A DGT G . -1.73 -9.58 -16.58
O2A DGT G . -3.60 -9.07 -14.84
O5' DGT G . -1.84 -10.75 -14.34
C5' DGT G . -0.66 -11.50 -14.56
C4' DGT G . -0.50 -12.46 -13.37
O4' DGT G . -0.38 -11.75 -12.14
C3' DGT G . -1.65 -13.42 -13.17
O3' DGT G . -1.60 -14.55 -14.04
C2' DGT G . -1.49 -13.83 -11.72
C1' DGT G . -0.97 -12.53 -11.09
N9 DGT G . -2.14 -11.86 -10.49
C8 DGT G . -2.96 -10.95 -11.08
N7 DGT G . -3.94 -10.57 -10.23
C5 DGT G . -3.77 -11.27 -9.09
C6 DGT G . -4.46 -11.37 -7.78
O6 DGT G . -5.48 -10.68 -7.54
N1 DGT G . -3.96 -12.22 -6.88
C2 DGT G . -2.86 -12.97 -7.11
N2 DGT G . -2.41 -13.80 -6.15
N3 DGT G . -2.18 -12.93 -8.28
C4 DGT G . -2.59 -12.12 -9.27
MN MN H . -0.96 -10.11 -18.39
S SO4 I . -8.83 -17.77 -24.67
O1 SO4 I . -8.49 -16.37 -25.01
O2 SO4 I . -9.02 -17.89 -23.19
O3 SO4 I . -10.08 -18.18 -25.34
O4 SO4 I . -7.73 -18.65 -25.10
S SO4 J . 1.69 17.78 -2.94
O1 SO4 J . 2.14 19.17 -3.11
O2 SO4 J . 0.20 17.74 -2.85
O3 SO4 J . 2.27 17.22 -1.70
O4 SO4 J . 2.13 16.99 -4.11
#